data_8D5G
#
_entry.id   8D5G
#
_cell.length_a   101.540
_cell.length_b   101.540
_cell.length_c   207.009
_cell.angle_alpha   90.000
_cell.angle_beta   90.000
_cell.angle_gamma   120.000
#
_symmetry.space_group_name_H-M   'P 64 2 2'
#
loop_
_entity.id
_entity.type
_entity.pdbx_description
1 polymer folP-SMZ_B27
2 non-polymer 6-HYDROXYMETHYLPTERIN-DIPHOSPHATE
3 non-polymer 'CHLORIDE ION'
4 water water
#
_entity_poly.entity_id   1
_entity_poly.type   'polypeptide(L)'
_entity_poly.pdbx_seq_one_letter_code
;GMAKVKIVGILNVTPNSFHDGGRFVETDKAVVRARELLSQGADIIEIGGESTGPGSNTITADEELARIVPVIRAIRSSLP
DANIAVDTYKAEVARKALELGATMINDVSAGRADPKLFGVVARSNAQIVLMYSKDTDPHTSFDERQYVDVVRTVYDFLAE
RKKAAMSAGIPADRIILDTGLGHFVSSDPQYSFQLLAHLSDFQDLGCKLFLSPSRKSFLAGNELLKTADRLPGTIAASAI
AVLHGADYIRTHDVLEVRRGCEIATAINQPPER
;
_entity_poly.pdbx_strand_id   A,B
#
# COMPACT_ATOMS: atom_id res chain seq x y z
N GLY A 1 -4.13 6.00 40.43
CA GLY A 1 -4.51 6.40 39.09
C GLY A 1 -3.69 5.74 38.00
N MET A 2 -4.37 5.20 36.99
CA MET A 2 -3.68 4.51 35.90
C MET A 2 -2.85 5.51 35.09
N ALA A 3 -1.60 5.14 34.81
CA ALA A 3 -0.71 6.02 34.08
C ALA A 3 -1.08 6.08 32.61
N LYS A 4 -0.74 7.20 31.98
CA LYS A 4 -1.02 7.40 30.57
C LYS A 4 -0.14 6.49 29.71
N VAL A 5 -0.59 6.28 28.48
CA VAL A 5 0.24 5.64 27.46
C VAL A 5 1.21 6.68 26.94
N LYS A 6 2.46 6.27 26.71
CA LYS A 6 3.48 7.17 26.20
C LYS A 6 3.42 7.17 24.67
N ILE A 7 3.17 8.35 24.10
CA ILE A 7 3.05 8.49 22.65
C ILE A 7 4.45 8.63 22.06
N VAL A 8 4.77 7.78 21.09
CA VAL A 8 6.06 7.80 20.41
C VAL A 8 5.86 8.48 19.05
N GLY A 9 6.43 9.67 18.90
CA GLY A 9 6.33 10.37 17.63
C GLY A 9 7.36 9.90 16.63
N ILE A 10 6.91 9.68 15.39
CA ILE A 10 7.77 9.18 14.32
C ILE A 10 8.44 10.36 13.63
N LEU A 11 9.75 10.22 13.39
CA LEU A 11 10.54 11.27 12.73
C LEU A 11 11.55 10.57 11.82
N ASN A 12 11.15 10.34 10.57
CA ASN A 12 12.01 9.65 9.61
C ASN A 12 12.84 10.66 8.82
N VAL A 13 14.14 10.40 8.74
CA VAL A 13 15.08 11.28 8.03
C VAL A 13 15.33 10.64 6.67
N THR A 14 14.61 11.13 5.65
CA THR A 14 14.76 10.65 4.29
C THR A 14 15.27 11.79 3.42
N PRO A 15 16.46 11.69 2.83
CA PRO A 15 17.00 12.80 2.04
C PRO A 15 16.10 13.14 0.86
N ASN A 16 16.01 14.44 0.55
CA ASN A 16 15.25 14.90 -0.60
C ASN A 16 15.90 14.37 -1.87
N SER A 17 17.06 14.92 -2.22
CA SER A 17 17.88 14.42 -3.31
C SER A 17 18.98 13.56 -2.73
N PHE A 18 18.98 12.27 -3.08
CA PHE A 18 19.91 11.32 -2.47
C PHE A 18 21.31 11.46 -3.03
N HIS A 19 21.63 12.63 -3.59
CA HIS A 19 22.97 12.91 -4.06
C HIS A 19 23.86 13.35 -2.91
N ASP A 20 24.82 14.23 -3.19
CA ASP A 20 25.72 14.76 -2.19
C ASP A 20 25.33 16.20 -1.84
N GLY A 21 25.41 16.53 -0.55
CA GLY A 21 25.11 17.87 -0.10
C GLY A 21 23.63 18.08 0.20
N GLY A 22 23.33 19.30 0.62
CA GLY A 22 21.97 19.67 0.95
C GLY A 22 21.42 19.04 2.21
N ARG A 23 22.27 18.43 3.03
CA ARG A 23 21.79 17.79 4.25
C ARG A 23 21.51 18.81 5.34
N PHE A 24 22.21 19.96 5.32
CA PHE A 24 21.92 21.02 6.29
C PHE A 24 20.47 21.46 6.21
N VAL A 25 19.91 21.49 5.00
CA VAL A 25 18.49 21.83 4.84
C VAL A 25 17.61 20.74 5.44
N GLU A 26 17.99 19.47 5.24
CA GLU A 26 17.17 18.39 5.76
C GLU A 26 17.28 18.26 7.28
N THR A 27 18.40 18.69 7.86
CA THR A 27 18.51 18.69 9.32
C THR A 27 17.64 19.78 9.93
N ASP A 28 17.58 20.94 9.29
CA ASP A 28 16.77 22.04 9.83
C ASP A 28 15.29 21.68 9.84
N LYS A 29 14.79 21.07 8.76
CA LYS A 29 13.39 20.70 8.73
C LYS A 29 13.08 19.62 9.76
N ALA A 30 14.02 18.70 10.00
CA ALA A 30 13.78 17.63 10.96
C ALA A 30 13.61 18.15 12.38
N VAL A 31 14.31 19.23 12.74
CA VAL A 31 14.12 19.84 14.05
C VAL A 31 12.76 20.50 14.13
N VAL A 32 12.27 21.04 13.00
CA VAL A 32 10.94 21.66 12.99
C VAL A 32 9.86 20.62 13.23
N ARG A 33 9.93 19.49 12.52
CA ARG A 33 8.96 18.42 12.74
C ARG A 33 9.04 17.89 14.16
N ALA A 34 10.25 17.78 14.72
CA ALA A 34 10.39 17.28 16.08
C ALA A 34 9.73 18.20 17.09
N ARG A 35 9.84 19.52 16.87
CA ARG A 35 9.20 20.47 17.78
C ARG A 35 7.68 20.35 17.71
N GLU A 36 7.14 20.15 16.51
CA GLU A 36 5.69 19.99 16.37
C GLU A 36 5.23 18.68 17.00
N LEU A 37 6.04 17.62 16.90
CA LEU A 37 5.71 16.37 17.56
C LEU A 37 5.59 16.58 19.06
N LEU A 38 6.55 17.29 19.66
CA LEU A 38 6.48 17.58 21.08
C LEU A 38 5.26 18.44 21.41
N SER A 39 4.99 19.45 20.58
CA SER A 39 3.87 20.35 20.86
C SER A 39 2.52 19.66 20.73
N GLN A 40 2.44 18.56 19.99
CA GLN A 40 1.21 17.79 19.87
C GLN A 40 1.03 16.79 21.01
N GLY A 41 2.06 16.55 21.81
CA GLY A 41 1.91 15.70 22.98
C GLY A 41 2.77 14.44 22.95
N ALA A 42 3.69 14.36 22.01
CA ALA A 42 4.56 13.19 21.93
C ALA A 42 5.50 13.14 23.13
N ASP A 43 5.62 11.96 23.73
CA ASP A 43 6.52 11.78 24.87
C ASP A 43 7.92 11.35 24.45
N ILE A 44 8.07 10.74 23.28
CA ILE A 44 9.36 10.30 22.78
C ILE A 44 9.43 10.65 21.30
N ILE A 45 10.59 11.13 20.87
CA ILE A 45 10.85 11.40 19.45
C ILE A 45 11.70 10.26 18.92
N GLU A 46 11.12 9.45 18.04
CA GLU A 46 11.80 8.30 17.46
C GLU A 46 12.41 8.71 16.12
N ILE A 47 13.74 8.82 16.08
CA ILE A 47 14.46 9.21 14.87
C ILE A 47 15.00 7.96 14.20
N GLY A 48 14.61 7.75 12.95
CA GLY A 48 15.13 6.63 12.17
C GLY A 48 15.57 7.11 10.80
N GLY A 49 16.63 6.48 10.30
CA GLY A 49 17.16 6.86 9.01
C GLY A 49 17.00 5.79 7.95
N GLU A 50 16.40 4.66 8.32
CA GLU A 50 16.23 3.53 7.41
C GLU A 50 14.81 2.99 7.58
N SER A 51 13.99 3.15 6.54
CA SER A 51 12.67 2.54 6.54
C SER A 51 12.81 1.02 6.43
N THR A 52 11.90 0.31 7.09
CA THR A 52 11.97 -1.15 7.14
C THR A 52 10.73 -1.84 6.61
N GLY A 53 9.72 -1.09 6.15
CA GLY A 53 8.54 -1.68 5.60
C GLY A 53 8.80 -2.33 4.26
N PRO A 54 7.75 -2.88 3.66
CA PRO A 54 7.91 -3.51 2.33
C PRO A 54 8.25 -2.47 1.28
N GLY A 55 9.11 -2.88 0.34
CA GLY A 55 9.58 -1.98 -0.69
C GLY A 55 10.68 -1.03 -0.25
N SER A 56 11.07 -1.04 1.02
CA SER A 56 12.10 -0.16 1.51
C SER A 56 13.48 -0.57 0.98
N ASN A 57 14.41 0.38 1.01
CA ASN A 57 15.77 0.15 0.56
C ASN A 57 16.70 -0.06 1.74
N THR A 58 17.66 -0.96 1.57
CA THR A 58 18.69 -1.18 2.59
C THR A 58 19.79 -0.15 2.40
N ILE A 59 20.15 0.53 3.50
CA ILE A 59 21.18 1.56 3.46
C ILE A 59 22.32 1.13 4.37
N THR A 60 23.52 1.61 4.04
CA THR A 60 24.71 1.25 4.82
C THR A 60 24.68 1.94 6.18
N ALA A 61 25.57 1.49 7.07
CA ALA A 61 25.69 2.11 8.39
C ALA A 61 26.20 3.53 8.28
N ASP A 62 27.13 3.79 7.35
CA ASP A 62 27.65 5.13 7.15
C ASP A 62 26.55 6.08 6.71
N GLU A 63 25.70 5.64 5.79
CA GLU A 63 24.59 6.48 5.33
C GLU A 63 23.55 6.67 6.42
N GLU A 64 23.27 5.61 7.20
CA GLU A 64 22.30 5.72 8.28
C GLU A 64 22.76 6.74 9.32
N LEU A 65 24.04 6.68 9.70
CA LEU A 65 24.56 7.65 10.65
C LEU A 65 24.66 9.04 10.04
N ALA A 66 24.93 9.12 8.74
CA ALA A 66 24.99 10.43 8.08
C ALA A 66 23.65 11.15 8.17
N ARG A 67 22.54 10.41 8.26
CA ARG A 67 21.22 11.01 8.30
C ARG A 67 20.77 11.39 9.70
N ILE A 68 21.10 10.58 10.71
CA ILE A 68 20.48 10.74 12.02
C ILE A 68 21.42 11.42 13.01
N VAL A 69 22.73 11.32 12.80
CA VAL A 69 23.69 11.94 13.72
C VAL A 69 23.52 13.46 13.77
N PRO A 70 23.41 14.18 12.64
CA PRO A 70 23.12 15.62 12.74
C PRO A 70 21.76 15.92 13.36
N VAL A 71 20.76 15.06 13.12
CA VAL A 71 19.43 15.30 13.66
C VAL A 71 19.44 15.15 15.19
N ILE A 72 20.03 14.06 15.69
CA ILE A 72 20.10 13.84 17.13
C ILE A 72 20.91 14.95 17.80
N ARG A 73 22.00 15.36 17.18
CA ARG A 73 22.83 16.42 17.75
C ARG A 73 22.05 17.73 17.85
N ALA A 74 21.24 18.04 16.82
CA ALA A 74 20.51 19.30 16.82
C ALA A 74 19.37 19.29 17.83
N ILE A 75 18.66 18.15 17.94
CA ILE A 75 17.53 18.08 18.86
C ILE A 75 18.00 18.12 20.31
N ARG A 76 19.01 17.32 20.64
CA ARG A 76 19.53 17.30 22.00
C ARG A 76 20.26 18.57 22.37
N SER A 77 20.58 19.44 21.40
CA SER A 77 21.23 20.70 21.71
C SER A 77 20.21 21.77 22.07
N SER A 78 19.11 21.85 21.33
CA SER A 78 18.09 22.86 21.58
C SER A 78 16.93 22.36 22.43
N LEU A 79 16.71 21.04 22.48
CA LEU A 79 15.65 20.44 23.29
C LEU A 79 16.25 19.33 24.14
N PRO A 80 17.08 19.67 25.13
CA PRO A 80 17.82 18.64 25.88
C PRO A 80 16.94 17.80 26.78
N ASP A 81 15.71 18.21 27.07
CA ASP A 81 14.82 17.40 27.89
C ASP A 81 14.13 16.30 27.10
N ALA A 82 14.01 16.47 25.79
CA ALA A 82 13.27 15.51 24.97
C ALA A 82 13.98 14.16 24.95
N ASN A 83 13.25 13.12 25.34
CA ASN A 83 13.76 11.76 25.25
C ASN A 83 13.70 11.28 23.81
N ILE A 84 14.76 10.63 23.37
CA ILE A 84 14.95 10.29 21.96
C ILE A 84 15.14 8.79 21.84
N ALA A 85 14.33 8.16 20.99
CA ALA A 85 14.53 6.79 20.57
C ALA A 85 15.09 6.77 19.14
N VAL A 86 15.83 5.72 18.82
CA VAL A 86 16.46 5.57 17.52
C VAL A 86 16.02 4.24 16.94
N ASP A 87 15.43 4.28 15.75
CA ASP A 87 14.98 3.09 15.04
C ASP A 87 16.14 2.58 14.20
N THR A 88 16.82 1.55 14.72
CA THR A 88 17.95 0.96 14.01
C THR A 88 18.11 -0.49 14.42
N TYR A 89 18.78 -1.25 13.56
CA TYR A 89 19.11 -2.64 13.83
C TYR A 89 20.60 -2.91 13.78
N LYS A 90 21.42 -1.89 13.55
CA LYS A 90 22.86 -2.03 13.46
C LYS A 90 23.50 -1.65 14.80
N ALA A 91 24.45 -2.46 15.25
CA ALA A 91 25.12 -2.19 16.52
C ALA A 91 25.94 -0.90 16.46
N GLU A 92 26.50 -0.58 15.29
CA GLU A 92 27.31 0.64 15.16
C GLU A 92 26.43 1.88 15.23
N VAL A 93 25.26 1.85 14.59
CA VAL A 93 24.36 2.99 14.64
C VAL A 93 23.81 3.15 16.06
N ALA A 94 23.53 2.04 16.74
CA ALA A 94 23.02 2.10 18.10
C ALA A 94 24.07 2.67 19.05
N ARG A 95 25.33 2.29 18.85
CA ARG A 95 26.39 2.77 19.75
C ARG A 95 26.53 4.29 19.67
N LYS A 96 26.61 4.83 18.45
CA LYS A 96 26.70 6.28 18.29
C LYS A 96 25.45 6.98 18.79
N ALA A 97 24.29 6.33 18.64
CA ALA A 97 23.05 6.92 19.14
C ALA A 97 23.04 6.99 20.65
N LEU A 98 23.50 5.95 21.32
CA LEU A 98 23.51 5.95 22.77
C LEU A 98 24.53 6.94 23.34
N GLU A 99 25.63 7.15 22.63
CA GLU A 99 26.62 8.13 23.09
C GLU A 99 26.05 9.54 23.05
N LEU A 100 25.22 9.85 22.05
CA LEU A 100 24.66 11.19 21.93
C LEU A 100 23.57 11.44 22.95
N GLY A 101 22.95 10.40 23.50
CA GLY A 101 21.98 10.58 24.56
C GLY A 101 20.65 9.91 24.33
N ALA A 102 20.56 9.06 23.31
CA ALA A 102 19.32 8.34 23.05
C ALA A 102 19.02 7.37 24.18
N THR A 103 17.76 7.32 24.59
CA THR A 103 17.34 6.53 25.73
C THR A 103 16.60 5.25 25.33
N MET A 104 16.43 4.99 24.04
CA MET A 104 15.69 3.82 23.59
C MET A 104 16.16 3.45 22.18
N ILE A 105 16.21 2.15 21.91
CA ILE A 105 16.59 1.63 20.60
C ILE A 105 15.48 0.69 20.12
N ASN A 106 14.83 1.05 19.03
CA ASN A 106 13.80 0.22 18.40
C ASN A 106 14.46 -0.67 17.34
N ASP A 107 14.51 -1.97 17.59
CA ASP A 107 15.16 -2.93 16.71
C ASP A 107 14.09 -3.79 16.06
N VAL A 108 13.86 -3.56 14.76
CA VAL A 108 12.86 -4.33 14.03
C VAL A 108 13.25 -5.79 13.89
N SER A 109 14.53 -6.10 14.02
CA SER A 109 15.02 -7.47 13.94
C SER A 109 15.02 -8.19 15.28
N ALA A 110 14.78 -7.47 16.38
CA ALA A 110 14.83 -8.03 17.74
C ALA A 110 16.21 -8.63 18.00
N GLY A 111 17.25 -7.89 17.66
CA GLY A 111 18.61 -8.31 17.88
C GLY A 111 19.13 -9.39 16.96
N ARG A 112 18.38 -9.76 15.93
CA ARG A 112 18.81 -10.84 15.04
C ARG A 112 19.74 -10.35 13.94
N ALA A 113 19.55 -9.12 13.47
CA ALA A 113 20.32 -8.63 12.33
C ALA A 113 21.78 -8.41 12.70
N ASP A 114 22.03 -7.75 13.82
CA ASP A 114 23.39 -7.49 14.30
C ASP A 114 23.59 -8.18 15.64
N PRO A 115 24.35 -9.28 15.70
CA PRO A 115 24.54 -9.97 16.98
C PRO A 115 25.17 -9.10 18.06
N LYS A 116 25.82 -7.99 17.70
CA LYS A 116 26.48 -7.13 18.67
C LYS A 116 25.59 -6.00 19.18
N LEU A 117 24.36 -5.88 18.69
CA LEU A 117 23.49 -4.79 19.13
C LEU A 117 23.05 -4.98 20.57
N PHE A 118 22.76 -6.22 20.98
CA PHE A 118 22.32 -6.48 22.35
C PHE A 118 23.35 -6.00 23.36
N GLY A 119 24.62 -6.33 23.14
CA GLY A 119 25.66 -5.93 24.08
C GLY A 119 25.87 -4.43 24.12
N VAL A 120 25.73 -3.75 22.99
CA VAL A 120 25.87 -2.30 22.97
C VAL A 120 24.79 -1.65 23.83
N VAL A 121 23.56 -2.18 23.77
CA VAL A 121 22.49 -1.67 24.61
C VAL A 121 22.75 -2.02 26.07
N ALA A 122 23.33 -3.19 26.32
CA ALA A 122 23.55 -3.65 27.69
C ALA A 122 24.54 -2.75 28.43
N ARG A 123 25.59 -2.30 27.74
CA ARG A 123 26.58 -1.39 28.33
C ARG A 123 26.03 0.02 28.55
N SER A 124 24.71 0.19 28.50
CA SER A 124 24.06 1.46 28.76
C SER A 124 22.83 1.19 29.62
N ASN A 125 22.03 2.23 29.85
CA ASN A 125 20.73 2.08 30.50
C ASN A 125 19.58 2.24 29.52
N ALA A 126 19.88 2.27 28.22
CA ALA A 126 18.85 2.47 27.22
C ALA A 126 17.91 1.26 27.17
N GLN A 127 16.63 1.55 26.96
CA GLN A 127 15.66 0.49 26.75
C GLN A 127 15.69 0.04 25.29
N ILE A 128 15.28 -1.20 25.06
CA ILE A 128 15.26 -1.77 23.72
C ILE A 128 13.87 -2.34 23.45
N VAL A 129 13.38 -2.12 22.22
CA VAL A 129 12.07 -2.59 21.81
C VAL A 129 12.28 -3.73 20.81
N LEU A 130 11.93 -4.95 21.22
CA LEU A 130 12.03 -6.12 20.36
C LEU A 130 10.70 -6.34 19.67
N MET A 131 10.69 -6.25 18.33
CA MET A 131 9.47 -6.41 17.56
C MET A 131 9.49 -7.75 16.86
N TYR A 132 8.35 -8.44 16.88
CA TYR A 132 8.22 -9.66 16.10
C TYR A 132 8.15 -9.34 14.62
N SER A 133 8.89 -10.11 13.82
CA SER A 133 8.85 -9.98 12.37
C SER A 133 8.79 -11.38 11.77
N LYS A 134 7.93 -11.55 10.76
CA LYS A 134 7.82 -12.83 10.10
C LYS A 134 9.07 -13.19 9.30
N ASP A 135 9.95 -12.21 9.05
CA ASP A 135 11.14 -12.42 8.23
C ASP A 135 12.39 -12.22 9.06
N THR A 136 13.43 -12.98 8.73
CA THR A 136 14.75 -12.72 9.31
C THR A 136 15.30 -11.39 8.84
N ASP A 137 15.05 -11.05 7.57
CA ASP A 137 15.40 -9.75 7.04
C ASP A 137 14.71 -8.65 7.85
N PRO A 138 15.44 -7.64 8.34
CA PRO A 138 14.75 -6.51 8.99
C PRO A 138 13.80 -5.78 8.07
N HIS A 139 14.04 -5.82 6.76
CA HIS A 139 13.13 -5.21 5.78
C HIS A 139 12.05 -6.22 5.45
N THR A 140 10.87 -6.04 6.05
CA THR A 140 9.78 -6.98 5.86
C THR A 140 9.30 -6.97 4.41
N SER A 141 8.55 -8.01 4.05
CA SER A 141 8.16 -8.24 2.67
C SER A 141 6.65 -8.37 2.56
N PHE A 142 6.15 -8.12 1.35
CA PHE A 142 4.76 -8.38 1.01
C PHE A 142 4.55 -9.88 0.94
N ASP A 143 3.84 -10.44 1.92
CA ASP A 143 3.64 -11.89 1.99
C ASP A 143 2.41 -12.14 2.85
N GLU A 144 1.41 -12.82 2.27
CA GLU A 144 0.20 -13.20 3.00
C GLU A 144 0.45 -14.45 3.84
N ARG A 145 1.37 -14.31 4.78
CA ARG A 145 1.73 -15.43 5.64
C ARG A 145 0.55 -15.85 6.51
N GLN A 146 0.35 -17.16 6.61
CA GLN A 146 -0.72 -17.71 7.44
C GLN A 146 -0.13 -18.34 8.70
N TYR A 147 -0.96 -18.40 9.73
CA TYR A 147 -0.57 -18.97 11.02
C TYR A 147 -1.63 -19.93 11.51
N VAL A 148 -1.18 -21.03 12.13
CA VAL A 148 -2.12 -21.89 12.86
C VAL A 148 -2.69 -21.13 14.05
N ASP A 149 -1.83 -20.43 14.79
CA ASP A 149 -2.26 -19.55 15.87
C ASP A 149 -1.19 -18.47 16.01
N VAL A 150 -1.45 -17.30 15.43
CA VAL A 150 -0.44 -16.25 15.38
C VAL A 150 -0.03 -15.82 16.78
N VAL A 151 -0.93 -15.97 17.76
CA VAL A 151 -0.62 -15.52 19.12
C VAL A 151 0.47 -16.36 19.74
N ARG A 152 0.39 -17.69 19.57
CA ARG A 152 1.43 -18.56 20.13
C ARG A 152 2.77 -18.35 19.44
N THR A 153 2.76 -18.16 18.12
CA THR A 153 4.01 -17.95 17.40
C THR A 153 4.71 -16.67 17.85
N VAL A 154 3.94 -15.59 18.01
CA VAL A 154 4.54 -14.31 18.43
C VAL A 154 4.95 -14.39 19.89
N TYR A 155 4.13 -15.03 20.73
CA TYR A 155 4.46 -15.16 22.15
C TYR A 155 5.77 -15.93 22.34
N ASP A 156 5.89 -17.08 21.67
CA ASP A 156 7.10 -17.88 21.82
C ASP A 156 8.32 -17.19 21.22
N PHE A 157 8.12 -16.41 20.15
CA PHE A 157 9.23 -15.67 19.56
C PHE A 157 9.74 -14.60 20.52
N LEU A 158 8.84 -13.76 21.03
CA LEU A 158 9.24 -12.71 21.96
C LEU A 158 9.79 -13.29 23.26
N ALA A 159 9.30 -14.46 23.68
CA ALA A 159 9.82 -15.08 24.89
C ALA A 159 11.28 -15.47 24.74
N GLU A 160 11.66 -15.99 23.57
CA GLU A 160 13.05 -16.40 23.37
C GLU A 160 13.94 -15.21 23.03
N ARG A 161 13.38 -14.15 22.43
CA ARG A 161 14.17 -12.94 22.21
C ARG A 161 14.46 -12.23 23.52
N LYS A 162 13.48 -12.23 24.43
CA LYS A 162 13.71 -11.66 25.77
C LYS A 162 14.77 -12.45 26.52
N LYS A 163 14.74 -13.78 26.43
CA LYS A 163 15.77 -14.60 27.05
C LYS A 163 17.14 -14.31 26.44
N ALA A 164 17.19 -14.18 25.11
CA ALA A 164 18.45 -13.87 24.43
C ALA A 164 18.95 -12.47 24.81
N ALA A 165 18.02 -11.52 25.01
CA ALA A 165 18.44 -10.19 25.43
C ALA A 165 18.87 -10.15 26.88
N MET A 166 18.24 -10.96 27.74
CA MET A 166 18.66 -11.01 29.13
C MET A 166 20.02 -11.71 29.27
N SER A 167 20.25 -12.77 28.49
CA SER A 167 21.55 -13.43 28.52
C SER A 167 22.66 -12.51 28.01
N ALA A 168 22.32 -11.49 27.23
CA ALA A 168 23.29 -10.52 26.77
C ALA A 168 23.54 -9.40 27.77
N GLY A 169 22.79 -9.36 28.87
CA GLY A 169 23.02 -8.38 29.92
C GLY A 169 21.94 -7.34 30.09
N ILE A 170 20.90 -7.35 29.26
CA ILE A 170 19.83 -6.36 29.33
C ILE A 170 18.81 -6.85 30.34
N PRO A 171 18.57 -6.12 31.43
CA PRO A 171 17.58 -6.55 32.42
C PRO A 171 16.17 -6.53 31.84
N ALA A 172 15.28 -7.28 32.49
CA ALA A 172 13.92 -7.41 32.00
C ALA A 172 13.14 -6.09 32.07
N ASP A 173 13.46 -5.25 33.05
CA ASP A 173 12.77 -3.96 33.17
C ASP A 173 13.23 -2.96 32.11
N ARG A 174 14.23 -3.30 31.30
CA ARG A 174 14.67 -2.46 30.20
C ARG A 174 14.33 -3.04 28.84
N ILE A 175 13.51 -4.09 28.80
CA ILE A 175 13.12 -4.75 27.56
C ILE A 175 11.65 -4.43 27.30
N ILE A 176 11.35 -3.94 26.10
CA ILE A 176 10.00 -3.63 25.67
C ILE A 176 9.65 -4.53 24.49
N LEU A 177 8.45 -5.09 24.50
CA LEU A 177 8.04 -6.11 23.53
C LEU A 177 7.01 -5.55 22.57
N ASP A 178 7.21 -5.84 21.28
CA ASP A 178 6.31 -5.40 20.21
C ASP A 178 5.90 -6.62 19.41
N THR A 179 4.61 -6.96 19.43
CA THR A 179 4.12 -8.10 18.67
C THR A 179 4.21 -7.88 17.16
N GLY A 180 4.41 -6.65 16.72
CA GLY A 180 4.40 -6.34 15.31
C GLY A 180 2.98 -6.21 14.79
N LEU A 181 2.80 -5.43 13.72
CA LEU A 181 1.49 -5.26 13.12
C LEU A 181 1.66 -5.08 11.61
N GLY A 182 0.57 -5.30 10.89
CA GLY A 182 0.63 -5.14 9.45
C GLY A 182 1.50 -6.17 8.78
N HIS A 183 2.31 -5.70 7.83
CA HIS A 183 3.09 -6.61 7.00
C HIS A 183 4.15 -7.37 7.79
N PHE A 184 4.62 -6.80 8.91
CA PHE A 184 5.59 -7.51 9.73
C PHE A 184 5.05 -8.83 10.24
N VAL A 185 3.74 -8.89 10.51
CA VAL A 185 3.09 -10.14 10.89
C VAL A 185 2.64 -10.88 9.64
N SER A 186 1.80 -10.23 8.83
CA SER A 186 1.29 -10.85 7.62
C SER A 186 0.57 -9.80 6.79
N SER A 187 0.65 -9.95 5.46
CA SER A 187 -0.17 -9.14 4.57
C SER A 187 -1.64 -9.53 4.64
N ASP A 188 -1.96 -10.66 5.27
CA ASP A 188 -3.32 -11.03 5.61
C ASP A 188 -3.68 -10.25 6.88
N PRO A 189 -4.62 -9.30 6.79
CA PRO A 189 -4.87 -8.40 7.93
C PRO A 189 -5.48 -9.08 9.15
N GLN A 190 -6.00 -10.31 9.02
CA GLN A 190 -6.67 -10.96 10.14
C GLN A 190 -5.74 -11.14 11.32
N TYR A 191 -4.45 -11.32 11.09
CA TYR A 191 -3.52 -11.67 12.16
C TYR A 191 -3.13 -10.45 12.99
N SER A 192 -3.09 -9.26 12.38
CA SER A 192 -2.88 -8.05 13.18
C SER A 192 -4.06 -7.79 14.09
N PHE A 193 -5.28 -8.11 13.64
CA PHE A 193 -6.46 -7.94 14.48
C PHE A 193 -6.46 -8.95 15.62
N GLN A 194 -6.08 -10.19 15.35
CA GLN A 194 -6.05 -11.21 16.40
C GLN A 194 -5.01 -10.87 17.46
N LEU A 195 -3.88 -10.28 17.07
CA LEU A 195 -2.87 -9.88 18.04
C LEU A 195 -3.39 -8.74 18.91
N LEU A 196 -4.12 -7.80 18.33
CA LEU A 196 -4.72 -6.72 19.12
C LEU A 196 -5.75 -7.26 20.10
N ALA A 197 -6.52 -8.27 19.69
CA ALA A 197 -7.54 -8.82 20.57
C ALA A 197 -6.92 -9.51 21.78
N HIS A 198 -5.81 -10.23 21.58
CA HIS A 198 -5.16 -10.98 22.64
C HIS A 198 -3.85 -10.31 23.08
N LEU A 199 -3.80 -8.99 23.06
CA LEU A 199 -2.59 -8.28 23.47
C LEU A 199 -2.29 -8.50 24.94
N SER A 200 -3.33 -8.57 25.77
CA SER A 200 -3.13 -8.77 27.20
C SER A 200 -2.51 -10.13 27.53
N ASP A 201 -2.54 -11.08 26.60
CA ASP A 201 -1.88 -12.36 26.81
C ASP A 201 -0.38 -12.22 26.92
N PHE A 202 0.19 -11.16 26.36
CA PHE A 202 1.63 -10.97 26.35
C PHE A 202 2.17 -10.36 27.63
N GLN A 203 1.29 -9.88 28.52
CA GLN A 203 1.75 -9.27 29.76
C GLN A 203 2.36 -10.29 30.71
N ASP A 204 2.13 -11.58 30.49
CA ASP A 204 2.75 -12.60 31.32
C ASP A 204 4.26 -12.61 31.17
N LEU A 205 4.76 -12.13 30.03
CA LEU A 205 6.20 -12.05 29.80
C LEU A 205 6.88 -11.00 30.67
N GLY A 206 6.11 -10.13 31.33
CA GLY A 206 6.68 -9.21 32.30
C GLY A 206 7.44 -8.04 31.72
N CYS A 207 7.03 -7.55 30.54
CA CYS A 207 7.66 -6.40 29.92
C CYS A 207 6.60 -5.43 29.42
N LYS A 208 6.98 -4.16 29.34
CA LYS A 208 6.09 -3.16 28.78
C LYS A 208 5.81 -3.45 27.31
N LEU A 209 4.62 -3.09 26.86
CA LEU A 209 4.16 -3.42 25.52
C LEU A 209 4.23 -2.20 24.61
N PHE A 210 4.65 -2.44 23.37
CA PHE A 210 4.90 -1.38 22.39
C PHE A 210 4.18 -1.78 21.11
N LEU A 211 3.33 -0.89 20.61
N LEU A 211 3.32 -0.89 20.62
CA LEU A 211 2.57 -1.16 19.40
CA LEU A 211 2.55 -1.15 19.41
C LEU A 211 2.52 0.08 18.53
C LEU A 211 2.54 0.08 18.53
N SER A 212 2.40 -0.14 17.22
CA SER A 212 2.36 0.94 16.24
C SER A 212 1.40 0.57 15.12
N PRO A 213 0.09 0.78 15.34
CA PRO A 213 -0.86 0.63 14.22
C PRO A 213 -0.52 1.58 13.09
N SER A 214 -0.57 2.88 13.36
CA SER A 214 -0.01 3.94 12.52
C SER A 214 -0.30 3.73 11.03
N ARG A 215 -1.59 3.67 10.70
CA ARG A 215 -2.06 3.68 9.32
C ARG A 215 -1.47 2.54 8.48
N LYS A 216 -1.24 1.39 9.09
CA LYS A 216 -0.63 0.28 8.36
C LYS A 216 -1.64 -0.34 7.39
N SER A 217 -1.23 -1.45 6.77
CA SER A 217 -2.05 -2.05 5.72
C SER A 217 -3.33 -2.66 6.27
N PHE A 218 -3.25 -3.27 7.46
CA PHE A 218 -4.39 -4.01 7.99
C PHE A 218 -5.58 -3.12 8.33
N LEU A 219 -5.39 -1.81 8.37
CA LEU A 219 -6.48 -0.87 8.61
C LEU A 219 -7.19 -0.44 7.33
N ALA A 220 -6.98 -1.17 6.23
CA ALA A 220 -7.62 -0.81 4.97
C ALA A 220 -9.11 -1.09 5.00
N GLY A 221 -9.51 -2.17 5.67
CA GLY A 221 -10.92 -2.51 5.80
C GLY A 221 -11.52 -3.00 4.50
N ASN A 222 -12.84 -3.25 4.56
CA ASN A 222 -13.55 -3.72 3.38
C ASN A 222 -13.57 -2.68 2.27
N GLU A 223 -13.50 -1.40 2.64
CA GLU A 223 -13.46 -0.33 1.65
C GLU A 223 -12.11 -0.22 0.96
N LEU A 224 -11.13 -1.02 1.35
CA LEU A 224 -9.77 -0.94 0.82
C LEU A 224 -9.21 0.47 0.95
N LEU A 225 -9.38 1.04 2.14
CA LEU A 225 -8.91 2.41 2.38
C LEU A 225 -7.40 2.50 2.24
N LYS A 226 -6.93 3.60 1.66
CA LYS A 226 -5.51 3.88 1.57
C LYS A 226 -5.09 4.73 2.78
N THR A 227 -3.83 5.17 2.78
CA THR A 227 -3.23 5.77 3.98
C THR A 227 -3.99 7.02 4.43
N ALA A 228 -4.42 7.85 3.48
CA ALA A 228 -5.09 9.09 3.85
C ALA A 228 -6.41 8.87 4.58
N ASP A 229 -7.04 7.71 4.41
CA ASP A 229 -8.35 7.44 4.98
C ASP A 229 -8.28 6.51 6.18
N ARG A 230 -7.09 6.27 6.73
CA ARG A 230 -6.91 5.31 7.83
C ARG A 230 -6.80 5.97 9.19
N LEU A 231 -6.96 7.29 9.28
CA LEU A 231 -6.85 7.95 10.59
C LEU A 231 -7.91 7.50 11.58
N PRO A 232 -9.20 7.39 11.22
CA PRO A 232 -10.16 6.83 12.20
C PRO A 232 -9.80 5.42 12.62
N GLY A 233 -9.34 4.59 11.69
CA GLY A 233 -8.97 3.22 12.04
C GLY A 233 -7.76 3.16 12.95
N THR A 234 -6.79 4.04 12.72
CA THR A 234 -5.59 4.05 13.56
C THR A 234 -5.86 4.63 14.94
N ILE A 235 -6.88 5.49 15.09
CA ILE A 235 -7.26 5.95 16.42
C ILE A 235 -7.94 4.84 17.19
N ALA A 236 -8.86 4.13 16.55
CA ALA A 236 -9.55 3.03 17.20
C ALA A 236 -8.61 1.89 17.53
N ALA A 237 -7.69 1.56 16.60
CA ALA A 237 -6.75 0.47 16.86
C ALA A 237 -5.78 0.82 17.98
N SER A 238 -5.32 2.06 18.03
CA SER A 238 -4.41 2.47 19.10
C SER A 238 -5.12 2.54 20.44
N ALA A 239 -6.37 3.02 20.44
CA ALA A 239 -7.12 3.09 21.69
C ALA A 239 -7.40 1.71 22.26
N ILE A 240 -7.86 0.78 21.41
CA ILE A 240 -8.11 -0.58 21.87
C ILE A 240 -6.83 -1.25 22.31
N ALA A 241 -5.70 -0.89 21.69
CA ALA A 241 -4.41 -1.43 22.13
C ALA A 241 -4.07 -0.95 23.53
N VAL A 242 -4.28 0.33 23.82
CA VAL A 242 -4.06 0.84 25.16
C VAL A 242 -5.00 0.18 26.15
N LEU A 243 -6.25 -0.06 25.74
CA LEU A 243 -7.19 -0.76 26.60
C LEU A 243 -6.75 -2.18 26.88
N HIS A 244 -6.00 -2.79 25.97
CA HIS A 244 -5.57 -4.17 26.09
C HIS A 244 -4.13 -4.29 26.60
N GLY A 245 -3.53 -3.20 27.08
CA GLY A 245 -2.25 -3.27 27.77
C GLY A 245 -1.10 -2.53 27.10
N ALA A 246 -1.31 -1.81 26.01
CA ALA A 246 -0.20 -1.14 25.34
C ALA A 246 0.30 0.03 26.18
N ASP A 247 1.61 0.04 26.45
CA ASP A 247 2.23 1.13 27.18
C ASP A 247 2.83 2.20 26.28
N TYR A 248 3.18 1.86 25.05
CA TYR A 248 3.67 2.82 24.07
C TYR A 248 2.86 2.68 22.79
N ILE A 249 2.55 3.82 22.17
CA ILE A 249 1.88 3.86 20.88
C ILE A 249 2.71 4.73 19.95
N ARG A 250 3.22 4.13 18.88
CA ARG A 250 4.06 4.81 17.90
C ARG A 250 3.22 5.17 16.69
N THR A 251 3.11 6.47 16.41
CA THR A 251 2.16 6.94 15.41
C THR A 251 2.71 8.17 14.69
N HIS A 252 2.06 8.54 13.60
CA HIS A 252 2.40 9.71 12.85
C HIS A 252 1.42 10.79 13.23
N ASP A 253 0.25 10.42 13.71
CA ASP A 253 -0.77 11.40 14.09
C ASP A 253 -0.81 11.53 15.61
N VAL A 254 0.22 12.20 16.13
CA VAL A 254 0.42 12.27 17.58
C VAL A 254 -0.76 12.96 18.26
N LEU A 255 -1.24 14.05 17.68
CA LEU A 255 -2.30 14.82 18.34
C LEU A 255 -3.59 14.02 18.48
N GLU A 256 -4.02 13.38 17.38
CA GLU A 256 -5.29 12.65 17.41
C GLU A 256 -5.17 11.33 18.16
N VAL A 257 -4.05 10.63 17.99
CA VAL A 257 -3.90 9.33 18.65
C VAL A 257 -3.79 9.49 20.16
N ARG A 258 -3.06 10.52 20.61
CA ARG A 258 -2.97 10.77 22.05
C ARG A 258 -4.35 11.09 22.63
N ARG A 259 -5.13 11.91 21.92
CA ARG A 259 -6.44 12.28 22.42
C ARG A 259 -7.39 11.09 22.43
N GLY A 260 -7.28 10.21 21.43
CA GLY A 260 -8.08 9.00 21.44
C GLY A 260 -7.62 8.01 22.50
N CYS A 261 -6.30 7.84 22.64
CA CYS A 261 -5.78 6.94 23.67
C CYS A 261 -6.08 7.46 25.07
N GLU A 262 -6.18 8.78 25.23
CA GLU A 262 -6.55 9.34 26.52
C GLU A 262 -7.94 8.87 26.94
N ILE A 263 -8.84 8.69 25.97
CA ILE A 263 -10.17 8.16 26.27
C ILE A 263 -10.05 6.71 26.73
N ALA A 264 -9.18 5.92 26.08
CA ALA A 264 -9.01 4.53 26.47
C ALA A 264 -8.44 4.41 27.88
N THR A 265 -7.49 5.28 28.22
CA THR A 265 -6.94 5.27 29.58
C THR A 265 -8.00 5.64 30.60
N ALA A 266 -8.88 6.59 30.26
CA ALA A 266 -9.95 6.96 31.19
C ALA A 266 -10.97 5.84 31.35
N ILE A 267 -11.19 5.04 30.29
CA ILE A 267 -12.09 3.90 30.42
C ILE A 267 -11.46 2.80 31.28
N ASN A 268 -10.14 2.64 31.19
CA ASN A 268 -9.43 1.66 32.01
C ASN A 268 -9.29 2.10 33.47
N GLN A 269 -9.61 3.35 33.78
CA GLN A 269 -9.38 3.88 35.12
C GLN A 269 -10.59 3.58 36.01
N PRO A 270 -10.44 2.79 37.07
CA PRO A 270 -11.53 2.58 38.01
C PRO A 270 -11.85 3.85 38.77
N PRO A 271 -13.02 3.94 39.39
CA PRO A 271 -13.38 5.16 40.12
C PRO A 271 -12.41 5.45 41.26
N GLU A 272 -12.38 6.72 41.67
CA GLU A 272 -11.56 7.19 42.79
C GLU A 272 -12.04 6.66 44.12
N ARG A 273 -13.00 5.73 44.12
CA ARG A 273 -13.52 5.11 45.32
C ARG A 273 -14.14 6.13 46.27
N MET B 2 -0.27 10.30 -36.47
CA MET B 2 -0.30 9.45 -35.29
C MET B 2 -1.58 9.70 -34.48
N ALA B 3 -2.30 8.62 -34.16
CA ALA B 3 -3.54 8.72 -33.42
C ALA B 3 -3.26 8.90 -31.93
N LYS B 4 -4.08 9.72 -31.29
CA LYS B 4 -3.94 9.96 -29.86
C LYS B 4 -4.36 8.73 -29.07
N VAL B 5 -3.83 8.64 -27.85
CA VAL B 5 -4.20 7.54 -26.95
C VAL B 5 -5.60 7.78 -26.41
N LYS B 6 -6.35 6.70 -26.22
CA LYS B 6 -7.70 6.78 -25.68
C LYS B 6 -7.63 6.69 -24.16
N ILE B 7 -8.19 7.69 -23.49
CA ILE B 7 -8.15 7.76 -22.03
C ILE B 7 -9.39 7.07 -21.47
N VAL B 8 -9.16 6.07 -20.62
CA VAL B 8 -10.24 5.31 -19.99
C VAL B 8 -10.40 5.86 -18.58
N GLY B 9 -11.49 6.59 -18.34
CA GLY B 9 -11.77 7.14 -17.03
C GLY B 9 -12.36 6.08 -16.11
N ILE B 10 -11.83 5.99 -14.90
CA ILE B 10 -12.27 4.99 -13.94
C ILE B 10 -13.45 5.53 -13.15
N LEU B 11 -14.51 4.73 -13.05
CA LEU B 11 -15.70 5.06 -12.27
C LEU B 11 -16.07 3.82 -11.48
N ASN B 12 -15.52 3.70 -10.28
CA ASN B 12 -15.81 2.56 -9.42
C ASN B 12 -17.12 2.79 -8.67
N VAL B 13 -17.85 1.71 -8.46
CA VAL B 13 -19.14 1.75 -7.75
C VAL B 13 -19.00 0.79 -6.56
N THR B 14 -18.82 1.35 -5.37
CA THR B 14 -18.69 0.58 -4.14
C THR B 14 -19.68 1.14 -3.13
N PRO B 15 -20.64 0.33 -2.64
CA PRO B 15 -21.61 0.84 -1.66
C PRO B 15 -20.95 1.00 -0.30
N ASN B 16 -21.01 2.22 0.24
CA ASN B 16 -20.54 2.46 1.59
C ASN B 16 -21.59 2.14 2.64
N SER B 17 -22.87 2.28 2.30
CA SER B 17 -23.96 1.73 3.11
C SER B 17 -24.28 0.32 2.57
N PHE B 18 -23.36 -0.60 2.85
CA PHE B 18 -23.34 -1.92 2.20
C PHE B 18 -24.54 -2.79 2.58
N HIS B 19 -25.47 -2.28 3.37
CA HIS B 19 -26.75 -2.94 3.58
C HIS B 19 -27.84 -1.99 3.08
N ASP B 20 -28.56 -2.44 2.05
CA ASP B 20 -29.37 -1.56 1.20
C ASP B 20 -30.31 -0.65 1.98
N GLY B 21 -29.99 0.64 2.00
CA GLY B 21 -30.88 1.67 2.49
C GLY B 21 -30.98 2.77 1.47
N GLY B 22 -29.95 2.90 0.64
CA GLY B 22 -29.94 3.91 -0.39
C GLY B 22 -28.91 3.68 -1.49
N ARG B 23 -29.36 3.18 -2.63
CA ARG B 23 -28.56 3.15 -3.84
C ARG B 23 -29.02 4.15 -4.89
N PHE B 24 -30.24 4.68 -4.77
CA PHE B 24 -30.63 5.85 -5.53
C PHE B 24 -29.63 6.99 -5.30
N VAL B 25 -29.05 7.06 -4.10
CA VAL B 25 -28.07 8.10 -3.80
C VAL B 25 -26.80 7.90 -4.62
N GLU B 26 -26.34 6.65 -4.74
CA GLU B 26 -25.05 6.40 -5.38
C GLU B 26 -25.12 6.47 -6.89
N THR B 27 -26.27 6.19 -7.49
CA THR B 27 -26.36 6.24 -8.95
C THR B 27 -26.45 7.68 -9.44
N ASP B 28 -27.11 8.56 -8.69
CA ASP B 28 -27.17 9.97 -9.08
C ASP B 28 -25.78 10.60 -9.06
N LYS B 29 -25.03 10.35 -7.98
CA LYS B 29 -23.67 10.87 -7.90
C LYS B 29 -22.77 10.26 -8.97
N ALA B 30 -22.97 8.99 -9.29
CA ALA B 30 -22.17 8.33 -10.32
C ALA B 30 -22.33 9.00 -11.67
N VAL B 31 -23.52 9.54 -11.97
CA VAL B 31 -23.70 10.25 -13.23
C VAL B 31 -22.93 11.56 -13.22
N VAL B 32 -22.81 12.19 -12.05
CA VAL B 32 -22.13 13.48 -11.97
C VAL B 32 -20.63 13.31 -12.22
N ARG B 33 -20.01 12.31 -11.57
CA ARG B 33 -18.59 12.08 -11.79
C ARG B 33 -18.32 11.58 -13.21
N ALA B 34 -19.25 10.82 -13.79
CA ALA B 34 -19.08 10.38 -15.17
C ALA B 34 -19.08 11.57 -16.13
N ARG B 35 -19.95 12.55 -15.88
CA ARG B 35 -19.93 13.76 -16.68
C ARG B 35 -18.62 14.52 -16.51
N GLU B 36 -18.06 14.49 -15.30
CA GLU B 36 -16.78 15.17 -15.06
C GLU B 36 -15.64 14.47 -15.78
N LEU B 37 -15.67 13.14 -15.84
CA LEU B 37 -14.64 12.41 -16.57
C LEU B 37 -14.68 12.79 -18.05
N LEU B 38 -15.87 12.80 -18.65
CA LEU B 38 -15.99 13.21 -20.04
C LEU B 38 -15.58 14.66 -20.25
N SER B 39 -15.81 15.52 -19.25
CA SER B 39 -15.44 16.92 -19.39
C SER B 39 -13.94 17.10 -19.42
N GLN B 40 -13.20 16.30 -18.64
CA GLN B 40 -11.74 16.38 -18.65
C GLN B 40 -11.12 15.73 -19.88
N GLY B 41 -11.91 15.08 -20.71
CA GLY B 41 -11.43 14.48 -21.93
C GLY B 41 -11.37 12.95 -21.96
N ALA B 42 -12.11 12.27 -21.09
CA ALA B 42 -12.11 10.81 -21.11
C ALA B 42 -12.85 10.30 -22.32
N ASP B 43 -12.26 9.31 -22.99
CA ASP B 43 -12.89 8.69 -24.15
C ASP B 43 -13.84 7.57 -23.77
N ILE B 44 -13.58 6.86 -22.68
CA ILE B 44 -14.38 5.73 -22.25
C ILE B 44 -14.59 5.83 -20.74
N ILE B 45 -15.80 5.51 -20.28
CA ILE B 45 -16.12 5.44 -18.86
C ILE B 45 -16.14 3.98 -18.45
N GLU B 46 -15.19 3.58 -17.61
CA GLU B 46 -15.08 2.19 -17.18
C GLU B 46 -15.83 2.03 -15.84
N ILE B 47 -16.90 1.25 -15.85
CA ILE B 47 -17.72 1.02 -14.67
C ILE B 47 -17.33 -0.33 -14.07
N GLY B 48 -16.98 -0.31 -12.79
CA GLY B 48 -16.62 -1.55 -12.10
C GLY B 48 -17.20 -1.61 -10.71
N GLY B 49 -17.90 -2.69 -10.39
CA GLY B 49 -18.56 -2.81 -9.11
C GLY B 49 -17.96 -3.88 -8.20
N GLU B 50 -16.74 -4.30 -8.48
CA GLU B 50 -16.06 -5.30 -7.65
C GLU B 50 -14.57 -5.06 -7.73
N SER B 51 -13.98 -4.59 -6.64
CA SER B 51 -12.55 -4.37 -6.60
C SER B 51 -11.80 -5.70 -6.68
N THR B 52 -10.61 -5.66 -7.27
CA THR B 52 -9.79 -6.86 -7.43
C THR B 52 -8.36 -6.65 -6.97
N GLY B 53 -8.10 -5.59 -6.20
CA GLY B 53 -6.78 -5.35 -5.68
C GLY B 53 -6.46 -6.27 -4.52
N PRO B 54 -5.26 -6.11 -3.96
CA PRO B 54 -4.86 -6.96 -2.84
C PRO B 54 -5.76 -6.74 -1.63
N GLY B 55 -6.31 -7.83 -1.11
CA GLY B 55 -7.18 -7.79 0.04
C GLY B 55 -8.63 -7.50 -0.27
N SER B 56 -9.04 -7.55 -1.53
CA SER B 56 -10.41 -7.23 -1.90
C SER B 56 -11.33 -8.44 -1.67
N ASN B 57 -12.61 -8.14 -1.50
CA ASN B 57 -13.62 -9.16 -1.25
C ASN B 57 -14.18 -9.70 -2.56
N THR B 58 -14.62 -10.96 -2.52
CA THR B 58 -15.30 -11.57 -3.65
C THR B 58 -16.80 -11.36 -3.47
N ILE B 59 -17.44 -10.76 -4.46
CA ILE B 59 -18.87 -10.50 -4.41
C ILE B 59 -19.56 -11.36 -5.46
N THR B 60 -20.86 -11.57 -5.25
CA THR B 60 -21.64 -12.43 -6.12
C THR B 60 -22.00 -11.71 -7.42
N ALA B 61 -22.49 -12.47 -8.39
CA ALA B 61 -22.93 -11.87 -9.64
C ALA B 61 -24.18 -11.02 -9.44
N ASP B 62 -25.05 -11.42 -8.51
CA ASP B 62 -26.25 -10.63 -8.23
C ASP B 62 -25.89 -9.29 -7.61
N GLU B 63 -24.89 -9.28 -6.72
CA GLU B 63 -24.50 -8.03 -6.06
C GLU B 63 -23.74 -7.12 -7.02
N GLU B 64 -22.94 -7.69 -7.91
CA GLU B 64 -22.23 -6.88 -8.90
C GLU B 64 -23.21 -6.23 -9.86
N LEU B 65 -24.20 -7.00 -10.33
CA LEU B 65 -25.24 -6.42 -11.19
C LEU B 65 -26.03 -5.35 -10.45
N ALA B 66 -26.31 -5.59 -9.16
CA ALA B 66 -27.06 -4.62 -8.38
C ALA B 66 -26.33 -3.28 -8.24
N ARG B 67 -25.01 -3.28 -8.43
CA ARG B 67 -24.23 -2.05 -8.32
C ARG B 67 -24.10 -1.32 -9.66
N ILE B 68 -23.78 -2.04 -10.73
CA ILE B 68 -23.42 -1.38 -11.97
C ILE B 68 -24.61 -1.14 -12.89
N VAL B 69 -25.64 -1.99 -12.85
CA VAL B 69 -26.76 -1.84 -13.78
C VAL B 69 -27.49 -0.52 -13.60
N PRO B 70 -27.84 -0.09 -12.38
CA PRO B 70 -28.44 1.25 -12.25
C PRO B 70 -27.51 2.37 -12.70
N VAL B 71 -26.20 2.19 -12.56
CA VAL B 71 -25.26 3.21 -13.01
C VAL B 71 -25.18 3.22 -14.53
N ILE B 72 -25.14 2.04 -15.15
CA ILE B 72 -25.13 1.96 -16.61
C ILE B 72 -26.39 2.56 -17.19
N ARG B 73 -27.55 2.17 -16.63
CA ARG B 73 -28.83 2.64 -17.14
C ARG B 73 -28.95 4.16 -17.05
N ALA B 74 -28.39 4.75 -15.99
CA ALA B 74 -28.49 6.19 -15.81
C ALA B 74 -27.50 6.95 -16.69
N ILE B 75 -26.33 6.38 -16.95
CA ILE B 75 -25.38 7.01 -17.87
C ILE B 75 -25.90 6.92 -19.29
N ARG B 76 -26.39 5.74 -19.70
CA ARG B 76 -26.93 5.57 -21.04
C ARG B 76 -28.11 6.50 -21.29
N SER B 77 -28.83 6.88 -20.23
CA SER B 77 -29.98 7.77 -20.38
C SER B 77 -29.54 9.23 -20.52
N SER B 78 -28.60 9.66 -19.69
CA SER B 78 -28.19 11.06 -19.69
C SER B 78 -27.05 11.36 -20.66
N LEU B 79 -26.20 10.38 -20.93
CA LEU B 79 -25.05 10.55 -21.83
C LEU B 79 -25.08 9.45 -22.87
N PRO B 80 -25.97 9.54 -23.86
CA PRO B 80 -26.16 8.42 -24.78
C PRO B 80 -24.98 8.18 -25.72
N ASP B 81 -24.09 9.15 -25.90
CA ASP B 81 -22.96 9.00 -26.80
C ASP B 81 -21.66 8.66 -26.06
N ALA B 82 -21.74 8.41 -24.75
CA ALA B 82 -20.56 8.06 -23.98
C ALA B 82 -20.28 6.57 -24.10
N ASN B 83 -19.04 6.22 -24.40
CA ASN B 83 -18.63 4.83 -24.53
C ASN B 83 -18.43 4.23 -23.14
N ILE B 84 -19.10 3.11 -22.87
CA ILE B 84 -19.10 2.48 -21.56
C ILE B 84 -18.30 1.20 -21.62
N ALA B 85 -17.32 1.08 -20.72
CA ALA B 85 -16.62 -0.17 -20.47
C ALA B 85 -16.99 -0.69 -19.10
N VAL B 86 -16.99 -2.01 -18.95
CA VAL B 86 -17.36 -2.65 -17.70
C VAL B 86 -16.23 -3.57 -17.28
N ASP B 87 -15.72 -3.37 -16.06
CA ASP B 87 -14.62 -4.16 -15.52
C ASP B 87 -15.23 -5.32 -14.73
N THR B 88 -15.23 -6.51 -15.32
CA THR B 88 -15.79 -7.68 -14.66
C THR B 88 -15.18 -8.94 -15.24
N TYR B 89 -15.18 -10.00 -14.44
CA TYR B 89 -14.72 -11.32 -14.87
C TYR B 89 -15.84 -12.33 -14.95
N LYS B 90 -17.06 -11.96 -14.59
CA LYS B 90 -18.20 -12.86 -14.60
C LYS B 90 -18.95 -12.75 -15.92
N ALA B 91 -19.27 -13.90 -16.53
CA ALA B 91 -19.96 -13.90 -17.80
C ALA B 91 -21.37 -13.32 -17.68
N GLU B 92 -22.06 -13.65 -16.59
CA GLU B 92 -23.42 -13.15 -16.39
C GLU B 92 -23.44 -11.63 -16.26
N VAL B 93 -22.42 -11.07 -15.61
CA VAL B 93 -22.32 -9.63 -15.50
C VAL B 93 -22.01 -9.00 -16.86
N ALA B 94 -21.12 -9.63 -17.63
CA ALA B 94 -20.77 -9.09 -18.93
C ALA B 94 -21.95 -9.17 -19.91
N ARG B 95 -22.68 -10.29 -19.89
CA ARG B 95 -23.81 -10.44 -20.80
C ARG B 95 -24.82 -9.31 -20.63
N LYS B 96 -25.15 -8.97 -19.39
CA LYS B 96 -26.12 -7.91 -19.14
C LYS B 96 -25.55 -6.54 -19.52
N ALA B 97 -24.27 -6.30 -19.25
CA ALA B 97 -23.68 -5.01 -19.57
C ALA B 97 -23.65 -4.77 -21.08
N LEU B 98 -23.33 -5.81 -21.86
CA LEU B 98 -23.31 -5.67 -23.31
C LEU B 98 -24.71 -5.39 -23.85
N GLU B 99 -25.73 -6.03 -23.28
CA GLU B 99 -27.11 -5.77 -23.72
C GLU B 99 -27.51 -4.32 -23.47
N LEU B 100 -27.05 -3.75 -22.36
CA LEU B 100 -27.39 -2.37 -22.05
C LEU B 100 -26.63 -1.37 -22.91
N GLY B 101 -25.51 -1.76 -23.50
CA GLY B 101 -24.79 -0.88 -24.40
C GLY B 101 -23.31 -0.75 -24.13
N ALA B 102 -22.78 -1.55 -23.22
CA ALA B 102 -21.34 -1.53 -22.96
C ALA B 102 -20.58 -2.06 -24.17
N THR B 103 -19.51 -1.36 -24.54
CA THR B 103 -18.74 -1.68 -25.73
C THR B 103 -17.36 -2.24 -25.42
N MET B 104 -17.09 -2.58 -24.16
CA MET B 104 -15.79 -3.11 -23.78
C MET B 104 -15.92 -3.85 -22.46
N ILE B 105 -15.39 -5.06 -22.40
CA ILE B 105 -15.33 -5.85 -21.18
C ILE B 105 -13.87 -5.98 -20.78
N ASN B 106 -13.53 -5.53 -19.58
CA ASN B 106 -12.17 -5.61 -19.04
C ASN B 106 -12.12 -6.75 -18.04
N ASP B 107 -11.51 -7.87 -18.43
CA ASP B 107 -11.43 -9.05 -17.59
C ASP B 107 -10.11 -9.06 -16.83
N VAL B 108 -10.20 -8.91 -15.50
CA VAL B 108 -9.00 -8.94 -14.65
C VAL B 108 -8.43 -10.34 -14.48
N SER B 109 -9.05 -11.36 -15.07
CA SER B 109 -8.53 -12.73 -15.03
C SER B 109 -8.14 -13.24 -16.41
N ALA B 110 -8.21 -12.39 -17.44
CA ALA B 110 -7.87 -12.74 -18.81
C ALA B 110 -8.70 -13.93 -19.30
N GLY B 111 -9.97 -13.94 -18.94
CA GLY B 111 -10.88 -14.98 -19.37
C GLY B 111 -10.77 -16.29 -18.62
N ARG B 112 -10.04 -16.32 -17.52
CA ARG B 112 -9.83 -17.58 -16.79
C ARG B 112 -10.86 -17.84 -15.71
N ALA B 113 -11.36 -16.78 -15.06
CA ALA B 113 -12.24 -16.97 -13.91
C ALA B 113 -13.58 -17.57 -14.31
N ASP B 114 -14.13 -17.14 -15.44
CA ASP B 114 -15.42 -17.64 -15.92
C ASP B 114 -15.25 -18.26 -17.30
N PRO B 115 -15.43 -19.57 -17.45
CA PRO B 115 -15.23 -20.18 -18.79
C PRO B 115 -16.25 -19.71 -19.82
N LYS B 116 -17.37 -19.14 -19.41
CA LYS B 116 -18.41 -18.72 -20.33
C LYS B 116 -18.23 -17.28 -20.81
N LEU B 117 -17.28 -16.54 -20.25
CA LEU B 117 -17.17 -15.12 -20.58
C LEU B 117 -16.65 -14.91 -22.00
N PHE B 118 -15.71 -15.75 -22.44
CA PHE B 118 -15.18 -15.62 -23.80
C PHE B 118 -16.29 -15.72 -24.84
N GLY B 119 -17.18 -16.71 -24.69
CA GLY B 119 -18.29 -16.85 -25.62
C GLY B 119 -19.29 -15.71 -25.53
N VAL B 120 -19.47 -15.14 -24.33
CA VAL B 120 -20.35 -14.00 -24.18
C VAL B 120 -19.83 -12.81 -24.98
N VAL B 121 -18.53 -12.55 -24.90
CA VAL B 121 -17.93 -11.50 -25.71
C VAL B 121 -17.78 -11.91 -27.16
N ALA B 122 -17.72 -13.23 -27.44
CA ALA B 122 -17.72 -13.69 -28.82
C ALA B 122 -19.03 -13.34 -29.51
N ARG B 123 -20.16 -13.57 -28.83
CA ARG B 123 -21.47 -13.17 -29.34
C ARG B 123 -21.78 -11.71 -29.04
N SER B 124 -20.81 -10.82 -29.23
CA SER B 124 -20.92 -9.42 -28.87
C SER B 124 -20.38 -8.56 -30.01
N ASN B 125 -20.52 -7.25 -29.84
CA ASN B 125 -19.86 -6.27 -30.69
C ASN B 125 -18.68 -5.61 -29.98
N ALA B 126 -18.42 -6.00 -28.73
CA ALA B 126 -17.46 -5.32 -27.87
C ALA B 126 -16.08 -5.93 -27.98
N GLN B 127 -15.10 -5.15 -27.55
CA GLN B 127 -13.74 -5.64 -27.39
C GLN B 127 -13.52 -6.11 -25.96
N ILE B 128 -12.53 -6.98 -25.78
CA ILE B 128 -12.21 -7.54 -24.48
C ILE B 128 -10.77 -7.16 -24.12
N VAL B 129 -10.55 -6.89 -22.84
CA VAL B 129 -9.24 -6.51 -22.34
C VAL B 129 -8.71 -7.67 -21.51
N LEU B 130 -7.68 -8.34 -22.01
CA LEU B 130 -7.03 -9.44 -21.32
C LEU B 130 -5.79 -8.91 -20.60
N MET B 131 -5.75 -9.03 -19.28
CA MET B 131 -4.69 -8.43 -18.49
C MET B 131 -3.97 -9.53 -17.74
N TYR B 132 -2.65 -9.52 -17.80
CA TYR B 132 -1.84 -10.51 -17.10
C TYR B 132 -1.98 -10.35 -15.60
N SER B 133 -1.93 -11.46 -14.88
CA SER B 133 -1.97 -11.46 -13.43
C SER B 133 -1.22 -12.68 -12.93
N LYS B 134 -0.38 -12.48 -11.91
CA LYS B 134 0.39 -13.57 -11.35
C LYS B 134 -0.47 -14.60 -10.63
N ASP B 135 -1.74 -14.29 -10.37
CA ASP B 135 -2.62 -15.16 -9.61
C ASP B 135 -3.76 -15.66 -10.48
N THR B 136 -4.18 -16.91 -10.25
CA THR B 136 -5.38 -17.42 -10.92
C THR B 136 -6.63 -16.72 -10.40
N ASP B 137 -6.68 -16.48 -9.09
CA ASP B 137 -7.76 -15.71 -8.49
C ASP B 137 -7.78 -14.31 -9.08
N PRO B 138 -8.89 -13.86 -9.66
CA PRO B 138 -8.96 -12.47 -10.16
C PRO B 138 -8.67 -11.44 -9.08
N HIS B 139 -8.82 -11.79 -7.80
CA HIS B 139 -8.45 -10.92 -6.69
C HIS B 139 -6.98 -11.14 -6.40
N THR B 140 -6.14 -10.21 -6.87
CA THR B 140 -4.70 -10.37 -6.75
C THR B 140 -4.27 -10.33 -5.27
N SER B 141 -3.03 -10.75 -5.03
CA SER B 141 -2.53 -10.93 -3.68
C SER B 141 -1.33 -10.05 -3.42
N PHE B 142 -1.02 -9.88 -2.13
CA PHE B 142 0.21 -9.24 -1.69
C PHE B 142 1.33 -10.27 -1.80
N ASP B 143 2.18 -10.14 -2.82
CA ASP B 143 3.24 -11.12 -3.01
C ASP B 143 4.38 -10.47 -3.79
N GLU B 144 5.57 -10.45 -3.19
CA GLU B 144 6.78 -9.97 -3.85
C GLU B 144 7.32 -11.02 -4.82
N ARG B 145 6.48 -11.34 -5.81
CA ARG B 145 6.83 -12.36 -6.78
C ARG B 145 8.03 -11.94 -7.61
N GLN B 146 8.96 -12.87 -7.79
CA GLN B 146 10.16 -12.63 -8.58
C GLN B 146 10.07 -13.36 -9.92
N TYR B 147 10.76 -12.81 -10.92
CA TYR B 147 10.82 -13.40 -12.24
C TYR B 147 12.26 -13.45 -12.72
N VAL B 148 12.57 -14.44 -13.55
CA VAL B 148 13.82 -14.44 -14.28
C VAL B 148 13.77 -13.44 -15.42
N ASP B 149 12.63 -13.36 -16.10
CA ASP B 149 12.42 -12.46 -17.23
C ASP B 149 10.92 -12.19 -17.30
N VAL B 150 10.49 -11.14 -16.61
CA VAL B 150 9.06 -10.86 -16.50
C VAL B 150 8.46 -10.49 -17.86
N VAL B 151 9.27 -9.91 -18.76
CA VAL B 151 8.75 -9.58 -20.08
C VAL B 151 8.42 -10.85 -20.85
N ARG B 152 9.31 -11.85 -20.80
CA ARG B 152 9.05 -13.10 -21.51
C ARG B 152 7.87 -13.86 -20.90
N THR B 153 7.76 -13.82 -19.57
CA THR B 153 6.66 -14.50 -18.90
C THR B 153 5.31 -13.89 -19.26
N VAL B 154 5.21 -12.56 -19.18
CA VAL B 154 3.96 -11.88 -19.50
C VAL B 154 3.64 -12.02 -20.98
N TYR B 155 4.66 -11.95 -21.84
CA TYR B 155 4.44 -12.06 -23.28
C TYR B 155 3.82 -13.41 -23.64
N ASP B 156 4.44 -14.50 -23.17
CA ASP B 156 3.90 -15.83 -23.46
C ASP B 156 2.49 -16.00 -22.91
N PHE B 157 2.21 -15.38 -21.76
CA PHE B 157 0.87 -15.46 -21.19
C PHE B 157 -0.16 -14.79 -22.10
N LEU B 158 0.11 -13.54 -22.51
CA LEU B 158 -0.82 -12.83 -23.37
C LEU B 158 -0.96 -13.50 -24.73
N ALA B 159 0.11 -14.16 -25.21
CA ALA B 159 0.00 -14.92 -26.45
C ALA B 159 -0.94 -16.11 -26.28
N GLU B 160 -0.86 -16.79 -25.14
CA GLU B 160 -1.74 -17.94 -24.90
C GLU B 160 -3.17 -17.50 -24.68
N ARG B 161 -3.37 -16.39 -23.96
CA ARG B 161 -4.72 -15.89 -23.75
C ARG B 161 -5.34 -15.37 -25.04
N LYS B 162 -4.53 -14.84 -25.95
CA LYS B 162 -5.03 -14.40 -27.25
C LYS B 162 -5.49 -15.60 -28.07
N LYS B 163 -4.67 -16.65 -28.12
CA LYS B 163 -5.05 -17.87 -28.84
C LYS B 163 -6.32 -18.48 -28.27
N ALA B 164 -6.48 -18.42 -26.94
CA ALA B 164 -7.68 -18.96 -26.31
C ALA B 164 -8.92 -18.15 -26.69
N ALA B 165 -8.84 -16.82 -26.60
CA ALA B 165 -9.97 -15.98 -26.96
C ALA B 165 -10.33 -16.14 -28.42
N MET B 166 -9.32 -16.25 -29.30
CA MET B 166 -9.61 -16.44 -30.72
C MET B 166 -10.26 -17.79 -30.97
N SER B 167 -9.87 -18.81 -30.22
CA SER B 167 -10.51 -20.12 -30.37
C SER B 167 -11.97 -20.08 -29.92
N ALA B 168 -12.31 -19.16 -29.01
CA ALA B 168 -13.68 -19.05 -28.52
C ALA B 168 -14.55 -18.18 -29.41
N GLY B 169 -13.99 -17.54 -30.42
CA GLY B 169 -14.76 -16.77 -31.37
C GLY B 169 -14.55 -15.26 -31.34
N ILE B 170 -13.49 -14.76 -30.71
CA ILE B 170 -13.20 -13.34 -30.65
C ILE B 170 -12.07 -13.04 -31.63
N PRO B 171 -12.30 -12.23 -32.66
CA PRO B 171 -11.24 -11.95 -33.63
C PRO B 171 -10.12 -11.12 -33.01
N ALA B 172 -9.00 -11.07 -33.74
CA ALA B 172 -7.80 -10.41 -33.22
C ALA B 172 -8.03 -8.91 -33.01
N ASP B 173 -8.84 -8.29 -33.85
CA ASP B 173 -9.06 -6.85 -33.78
C ASP B 173 -10.09 -6.46 -32.73
N ARG B 174 -10.55 -7.40 -31.91
CA ARG B 174 -11.40 -7.09 -30.76
C ARG B 174 -10.79 -7.63 -29.47
N ILE B 175 -9.47 -7.84 -29.46
CA ILE B 175 -8.73 -8.32 -28.29
C ILE B 175 -7.71 -7.26 -27.93
N ILE B 176 -7.80 -6.76 -26.69
CA ILE B 176 -6.87 -5.76 -26.18
C ILE B 176 -6.07 -6.41 -25.06
N LEU B 177 -4.75 -6.21 -25.07
CA LEU B 177 -3.86 -6.87 -24.14
C LEU B 177 -3.32 -5.88 -23.12
N ASP B 178 -3.17 -6.36 -21.88
CA ASP B 178 -2.64 -5.56 -20.78
C ASP B 178 -1.58 -6.39 -20.07
N THR B 179 -0.36 -5.86 -19.99
CA THR B 179 0.69 -6.55 -19.27
C THR B 179 0.41 -6.63 -17.78
N GLY B 180 -0.49 -5.79 -17.28
CA GLY B 180 -0.70 -5.67 -15.85
C GLY B 180 0.36 -4.80 -15.22
N LEU B 181 0.02 -4.13 -14.13
CA LEU B 181 0.99 -3.29 -13.43
C LEU B 181 0.73 -3.41 -11.94
N GLY B 182 1.71 -2.96 -11.15
CA GLY B 182 1.55 -3.00 -9.70
C GLY B 182 1.47 -4.42 -9.18
N HIS B 183 0.58 -4.64 -8.23
CA HIS B 183 0.53 -5.91 -7.51
C HIS B 183 0.12 -7.08 -8.39
N PHE B 184 -0.59 -6.83 -9.50
CA PHE B 184 -0.97 -7.92 -10.40
C PHE B 184 0.27 -8.62 -10.96
N VAL B 185 1.29 -7.85 -11.33
CA VAL B 185 2.54 -8.43 -11.78
C VAL B 185 3.34 -8.94 -10.58
N SER B 186 3.62 -8.05 -9.64
CA SER B 186 4.35 -8.39 -8.43
C SER B 186 4.30 -7.21 -7.48
N SER B 187 4.35 -7.51 -6.19
CA SER B 187 4.49 -6.44 -5.20
C SER B 187 5.85 -5.77 -5.28
N ASP B 188 6.83 -6.42 -5.91
CA ASP B 188 8.11 -5.79 -6.19
C ASP B 188 7.95 -4.84 -7.36
N PRO B 189 8.15 -3.53 -7.17
CA PRO B 189 7.88 -2.58 -8.27
C PRO B 189 8.81 -2.72 -9.45
N GLN B 190 9.96 -3.39 -9.31
CA GLN B 190 10.93 -3.45 -10.40
C GLN B 190 10.34 -4.11 -11.65
N TYR B 191 9.34 -4.98 -11.49
CA TYR B 191 8.83 -5.71 -12.64
C TYR B 191 7.80 -4.91 -13.42
N SER B 192 7.11 -3.98 -12.77
CA SER B 192 6.24 -3.07 -13.51
C SER B 192 7.06 -2.10 -14.37
N PHE B 193 8.20 -1.65 -13.85
CA PHE B 193 9.07 -0.78 -14.63
C PHE B 193 9.67 -1.51 -15.82
N GLN B 194 10.02 -2.78 -15.60
CA GLN B 194 10.59 -3.61 -16.66
C GLN B 194 9.60 -3.74 -17.81
N LEU B 195 8.33 -3.94 -17.48
CA LEU B 195 7.29 -4.07 -18.49
C LEU B 195 7.09 -2.75 -19.23
N LEU B 196 7.14 -1.63 -18.51
CA LEU B 196 6.98 -0.33 -19.16
C LEU B 196 8.12 -0.05 -20.12
N ALA B 197 9.32 -0.51 -19.80
CA ALA B 197 10.47 -0.27 -20.67
C ALA B 197 10.36 -1.06 -21.97
N HIS B 198 9.88 -2.31 -21.89
CA HIS B 198 9.82 -3.20 -23.03
C HIS B 198 8.40 -3.41 -23.52
N LEU B 199 7.54 -2.40 -23.34
CA LEU B 199 6.16 -2.50 -23.80
C LEU B 199 6.08 -2.68 -25.31
N SER B 200 7.03 -2.12 -26.06
CA SER B 200 7.02 -2.24 -27.51
C SER B 200 7.18 -3.69 -27.97
N ASP B 201 7.75 -4.55 -27.13
CA ASP B 201 7.90 -5.96 -27.50
C ASP B 201 6.53 -6.61 -27.71
N PHE B 202 5.52 -6.16 -26.98
CA PHE B 202 4.19 -6.78 -27.04
C PHE B 202 3.40 -6.39 -28.27
N GLN B 203 3.90 -5.45 -29.08
CA GLN B 203 3.20 -5.09 -30.31
C GLN B 203 3.25 -6.19 -31.35
N ASP B 204 4.17 -7.15 -31.21
CA ASP B 204 4.23 -8.28 -32.14
C ASP B 204 2.99 -9.16 -32.06
N LEU B 205 2.23 -9.08 -30.96
CA LEU B 205 1.04 -9.88 -30.79
C LEU B 205 -0.15 -9.36 -31.58
N GLY B 206 0.01 -8.29 -32.36
CA GLY B 206 -1.01 -7.81 -33.26
C GLY B 206 -2.29 -7.32 -32.60
N CYS B 207 -2.23 -6.94 -31.32
CA CYS B 207 -3.39 -6.47 -30.58
C CYS B 207 -3.12 -5.08 -30.01
N LYS B 208 -4.19 -4.34 -29.79
CA LYS B 208 -4.08 -3.04 -29.14
C LYS B 208 -3.65 -3.21 -27.70
N LEU B 209 -2.95 -2.21 -27.17
CA LEU B 209 -2.36 -2.29 -25.84
C LEU B 209 -3.10 -1.39 -24.86
N PHE B 210 -3.28 -1.89 -23.65
CA PHE B 210 -4.06 -1.24 -22.59
C PHE B 210 -3.21 -1.29 -21.32
N LEU B 211 -3.00 -0.14 -20.70
N LEU B 211 -3.00 -0.13 -20.71
CA LEU B 211 -2.17 -0.07 -19.50
CA LEU B 211 -2.16 -0.04 -19.51
C LEU B 211 -2.79 0.89 -18.50
C LEU B 211 -2.83 0.88 -18.50
N SER B 212 -2.59 0.59 -17.22
CA SER B 212 -3.18 1.37 -16.12
C SER B 212 -2.14 1.55 -15.02
N PRO B 213 -1.30 2.58 -15.11
CA PRO B 213 -0.38 2.88 -14.01
C PRO B 213 -1.19 3.42 -12.86
N SER B 214 -2.02 4.44 -13.06
CA SER B 214 -3.07 4.84 -12.12
C SER B 214 -2.69 4.81 -10.64
N ARG B 215 -1.60 5.52 -10.30
CA ARG B 215 -1.20 5.75 -8.91
C ARG B 215 -0.97 4.44 -8.15
N LYS B 216 -0.56 3.39 -8.84
CA LYS B 216 -0.38 2.09 -8.20
C LYS B 216 0.80 2.14 -7.22
N SER B 217 0.92 1.06 -6.44
CA SER B 217 1.95 1.00 -5.40
C SER B 217 3.36 1.04 -5.98
N PHE B 218 3.54 0.50 -7.18
CA PHE B 218 4.87 0.46 -7.78
C PHE B 218 5.43 1.85 -8.08
N LEU B 219 4.62 2.90 -7.97
CA LEU B 219 5.07 4.27 -8.19
C LEU B 219 5.47 4.97 -6.89
N ALA B 220 5.81 4.21 -5.85
CA ALA B 220 6.09 4.81 -4.56
C ALA B 220 7.47 5.45 -4.52
N GLY B 221 8.47 4.81 -5.14
CA GLY B 221 9.81 5.36 -5.19
C GLY B 221 10.54 5.24 -3.87
N ASN B 222 11.73 5.83 -3.83
CA ASN B 222 12.53 5.84 -2.60
C ASN B 222 11.81 6.58 -1.48
N GLU B 223 11.06 7.63 -1.82
CA GLU B 223 10.30 8.36 -0.80
C GLU B 223 9.12 7.56 -0.26
N LEU B 224 8.80 6.42 -0.87
CA LEU B 224 7.66 5.59 -0.46
C LEU B 224 6.38 6.41 -0.41
N LEU B 225 6.12 7.12 -1.50
CA LEU B 225 4.99 8.05 -1.55
C LEU B 225 3.67 7.32 -1.46
N LYS B 226 2.73 7.89 -0.71
CA LYS B 226 1.38 7.35 -0.64
C LYS B 226 0.58 7.80 -1.87
N THR B 227 -0.67 7.34 -1.94
CA THR B 227 -1.48 7.55 -3.15
C THR B 227 -1.64 9.03 -3.47
N ALA B 228 -1.74 9.88 -2.44
CA ALA B 228 -1.98 11.30 -2.67
C ALA B 228 -0.81 12.01 -3.36
N ASP B 229 0.37 11.38 -3.41
CA ASP B 229 1.55 12.03 -3.96
C ASP B 229 2.07 11.34 -5.22
N ARG B 230 1.31 10.43 -5.81
CA ARG B 230 1.77 9.65 -6.94
C ARG B 230 1.32 10.21 -8.29
N LEU B 231 0.84 11.46 -8.32
CA LEU B 231 0.36 12.02 -9.60
C LEU B 231 1.49 12.30 -10.57
N PRO B 232 2.61 12.94 -10.18
CA PRO B 232 3.72 13.07 -11.14
C PRO B 232 4.27 11.74 -11.60
N GLY B 233 4.24 10.72 -10.74
CA GLY B 233 4.73 9.41 -11.14
C GLY B 233 3.85 8.75 -12.18
N THR B 234 2.54 8.78 -11.99
CA THR B 234 1.65 8.14 -12.95
C THR B 234 1.57 8.93 -14.26
N ILE B 235 1.74 10.26 -14.19
CA ILE B 235 1.80 11.05 -15.41
C ILE B 235 3.02 10.65 -16.24
N ALA B 236 4.17 10.51 -15.58
CA ALA B 236 5.37 10.08 -16.29
C ALA B 236 5.26 8.63 -16.76
N ALA B 237 4.65 7.77 -15.94
CA ALA B 237 4.53 6.37 -16.33
C ALA B 237 3.54 6.20 -17.48
N SER B 238 2.41 6.92 -17.44
CA SER B 238 1.43 6.80 -18.51
C SER B 238 1.96 7.37 -19.82
N ALA B 239 2.77 8.44 -19.75
CA ALA B 239 3.33 9.02 -20.97
C ALA B 239 4.32 8.05 -21.63
N ILE B 240 5.24 7.50 -20.84
CA ILE B 240 6.23 6.58 -21.38
C ILE B 240 5.55 5.32 -21.93
N ALA B 241 4.45 4.91 -21.31
CA ALA B 241 3.68 3.78 -21.84
C ALA B 241 3.13 4.11 -23.22
N VAL B 242 2.55 5.30 -23.38
CA VAL B 242 2.08 5.74 -24.70
C VAL B 242 3.25 5.85 -25.67
N LEU B 243 4.39 6.33 -25.18
CA LEU B 243 5.58 6.41 -26.01
C LEU B 243 6.02 5.03 -26.50
N HIS B 244 5.79 3.99 -25.69
CA HIS B 244 6.20 2.64 -26.03
C HIS B 244 5.06 1.78 -26.58
N GLY B 245 3.94 2.40 -26.97
CA GLY B 245 2.94 1.70 -27.73
C GLY B 245 1.57 1.52 -27.09
N ALA B 246 1.29 2.24 -26.00
CA ALA B 246 0.01 2.09 -25.32
C ALA B 246 -1.10 2.73 -26.14
N ASP B 247 -2.13 1.95 -26.45
CA ASP B 247 -3.29 2.46 -27.16
C ASP B 247 -4.36 3.01 -26.24
N TYR B 248 -4.52 2.43 -25.05
CA TYR B 248 -5.41 2.96 -24.02
C TYR B 248 -4.62 3.18 -22.74
N ILE B 249 -5.02 4.20 -21.98
CA ILE B 249 -4.45 4.46 -20.66
C ILE B 249 -5.61 4.63 -19.68
N ARG B 250 -5.67 3.75 -18.68
CA ARG B 250 -6.73 3.72 -17.69
C ARG B 250 -6.25 4.45 -16.44
N THR B 251 -6.90 5.58 -16.12
CA THR B 251 -6.39 6.46 -15.09
C THR B 251 -7.52 7.05 -14.26
N HIS B 252 -7.15 7.59 -13.10
CA HIS B 252 -8.04 8.35 -12.24
C HIS B 252 -7.99 9.84 -12.53
N ASP B 253 -6.84 10.33 -12.98
CA ASP B 253 -6.63 11.75 -13.21
C ASP B 253 -6.69 12.02 -14.73
N VAL B 254 -7.91 11.98 -15.24
CA VAL B 254 -8.14 12.04 -16.69
C VAL B 254 -7.52 13.29 -17.29
N LEU B 255 -7.73 14.44 -16.65
CA LEU B 255 -7.25 15.71 -17.21
C LEU B 255 -5.72 15.71 -17.34
N GLU B 256 -5.02 15.49 -16.22
CA GLU B 256 -3.57 15.57 -16.24
C GLU B 256 -2.93 14.45 -17.04
N VAL B 257 -3.54 13.26 -17.03
CA VAL B 257 -2.95 12.13 -17.76
C VAL B 257 -3.18 12.28 -19.26
N ARG B 258 -4.33 12.79 -19.66
CA ARG B 258 -4.57 13.04 -21.08
C ARG B 258 -3.58 14.07 -21.63
N ARG B 259 -3.36 15.15 -20.88
CA ARG B 259 -2.46 16.19 -21.34
C ARG B 259 -1.00 15.73 -21.31
N GLY B 260 -0.65 14.85 -20.37
CA GLY B 260 0.69 14.32 -20.34
C GLY B 260 0.93 13.32 -21.45
N CYS B 261 -0.05 12.46 -21.73
CA CYS B 261 0.10 11.49 -22.81
C CYS B 261 0.10 12.15 -24.18
N GLU B 262 -0.64 13.25 -24.33
CA GLU B 262 -0.62 13.99 -25.59
C GLU B 262 0.79 14.48 -25.92
N ILE B 263 1.60 14.75 -24.89
CA ILE B 263 3.00 15.12 -25.13
C ILE B 263 3.77 13.93 -25.67
N ALA B 264 3.52 12.73 -25.11
CA ALA B 264 4.18 11.53 -25.62
C ALA B 264 3.78 11.26 -27.06
N THR B 265 2.51 11.48 -27.40
CA THR B 265 2.06 11.31 -28.78
C THR B 265 2.78 12.29 -29.70
N ALA B 266 2.98 13.53 -29.24
CA ALA B 266 3.69 14.52 -30.07
C ALA B 266 5.15 14.13 -30.25
N ILE B 267 5.76 13.49 -29.25
CA ILE B 267 7.15 13.09 -29.38
C ILE B 267 7.30 11.93 -30.36
N ASN B 268 6.28 11.08 -30.46
CA ASN B 268 6.29 10.00 -31.43
C ASN B 268 5.87 10.42 -32.83
N GLN B 269 5.59 11.70 -33.04
CA GLN B 269 5.10 12.17 -34.34
C GLN B 269 6.26 12.54 -35.24
N PRO B 270 6.42 11.88 -36.39
CA PRO B 270 7.42 12.33 -37.37
C PRO B 270 7.02 13.66 -37.99
N PRO B 271 7.96 14.37 -38.61
CA PRO B 271 7.65 15.71 -39.12
C PRO B 271 6.62 15.69 -40.24
N GLU B 272 6.00 16.85 -40.44
CA GLU B 272 4.98 17.06 -41.46
C GLU B 272 5.54 17.23 -42.86
N ARG B 273 6.79 16.84 -43.07
CA ARG B 273 7.51 17.03 -44.34
C ARG B 273 7.66 18.52 -44.69
#